data_2P89
#
_entry.id   2P89
#
loop_
_entity.id
_entity.type
_entity.pdbx_description
1 polymer 'U65 H/ACA snoRNA'
2 polymer '28S rRNA'
#
loop_
_entity_poly.entity_id
_entity_poly.type
_entity_poly.pdbx_seq_one_letter_code
_entity_poly.pdbx_strand_id
1 'polyribonucleotide' GGCCUUAGGAAACAGUUCGCUGUGCCGAAAGGUC A
2 'polyribonucleotide' UUCGGCUCUUCCUA B
#